data_9LPB
#
_entry.id   9LPB
#
_cell.length_a   83.815
_cell.length_b   83.815
_cell.length_c   163.673
_cell.angle_alpha   90.00
_cell.angle_beta   90.00
_cell.angle_gamma   90.00
#
_symmetry.space_group_name_H-M   'P 43 21 2'
#
loop_
_entity.id
_entity.type
_entity.pdbx_description
1 polymer 'Terpene synthase'
2 water water
#
_entity_poly.entity_id   1
_entity_poly.type   'polypeptide(L)'
_entity_poly.pdbx_seq_one_letter_code
;HHHHHHMSTVQSTAAIPAAYTPGSTFYLPEFPYLLPARRHPASDRIRRSCETWVRANMRFAMADQAEMDALIEEGAALWT
CYVLPTADEDRLLNLCRYTEYLSVFDNAMVDRTKIGKDPDAAKELFHRVVNILADRAVGPDFEWGRVLGELWRDMRVGFP
EPVWDRFMAEVRRFLSGCVAEITSRSDGMVFDYDTYLKVRRDSVGMGMYFVLGEYGLGIDLTEDLTRHGELREIVDIALE
HIMLTNDLFSFRAECAMDDYVNALAVLRLSEGLELQDAVDRLFTVIEGRRTDFMAARRRLESGELGGRADVRAYLDALWH
MMAGNLQWSYLTSRYNGIGHVWNNVRSGIVTLHADRTEFSDRPYWSLAR
;
_entity_poly.pdbx_strand_id   A
#
# COMPACT_ATOMS: atom_id res chain seq x y z
N ILE A 16 13.89 -13.92 -16.90
CA ILE A 16 13.19 -12.64 -16.86
C ILE A 16 14.02 -11.53 -17.51
N PRO A 17 13.77 -11.21 -18.80
CA PRO A 17 14.34 -9.99 -19.37
C PRO A 17 13.97 -8.78 -18.55
N ALA A 18 14.87 -7.80 -18.51
CA ALA A 18 14.70 -6.68 -17.60
C ALA A 18 13.48 -5.86 -17.97
N ALA A 19 12.72 -5.45 -16.95
CA ALA A 19 11.63 -4.51 -17.17
C ALA A 19 12.15 -3.10 -17.49
N TYR A 20 13.35 -2.77 -17.02
CA TYR A 20 14.03 -1.52 -17.38
C TYR A 20 15.52 -1.69 -17.17
N THR A 21 16.27 -0.74 -17.72
CA THR A 21 17.72 -0.62 -17.69
C THR A 21 18.10 0.65 -16.96
N PRO A 22 19.08 0.61 -16.06
CA PRO A 22 19.45 1.82 -15.31
C PRO A 22 19.75 2.99 -16.24
N GLY A 23 19.18 4.15 -15.91
CA GLY A 23 19.25 5.30 -16.77
C GLY A 23 18.10 5.42 -17.77
N SER A 24 17.22 4.43 -17.86
CA SER A 24 16.02 4.57 -18.67
C SER A 24 15.25 5.82 -18.24
N THR A 25 14.55 6.43 -19.17
CA THR A 25 13.68 7.56 -18.87
C THR A 25 12.28 7.34 -19.42
N PHE A 26 11.34 8.07 -18.84
CA PHE A 26 9.98 8.15 -19.35
C PHE A 26 9.34 9.40 -18.77
N TYR A 27 8.29 9.87 -19.44
CA TYR A 27 7.53 11.00 -18.94
C TYR A 27 6.48 10.51 -17.96
N LEU A 28 6.55 10.99 -16.72
CA LEU A 28 5.48 10.71 -15.75
C LEU A 28 4.43 11.81 -15.80
N PRO A 29 3.16 11.50 -16.12
CA PRO A 29 2.12 12.54 -16.07
C PRO A 29 1.54 12.62 -14.66
N GLU A 30 1.00 13.79 -14.33
CA GLU A 30 0.32 13.97 -13.03
C GLU A 30 -1.15 13.58 -13.19
N PHE A 31 -1.59 12.60 -12.40
CA PHE A 31 -3.02 12.30 -12.35
C PHE A 31 -3.79 13.52 -11.92
N PRO A 32 -4.87 13.89 -12.61
CA PRO A 32 -5.65 15.05 -12.20
C PRO A 32 -6.50 14.79 -10.96
N TYR A 33 -6.96 15.90 -10.36
CA TYR A 33 -7.85 15.99 -9.20
C TYR A 33 -7.17 15.65 -7.87
N LEU A 34 -6.28 14.65 -7.85
CA LEU A 34 -5.95 13.97 -6.59
C LEU A 34 -5.04 14.83 -5.72
N LEU A 35 -4.20 15.66 -6.33
CA LEU A 35 -3.17 16.37 -5.56
C LEU A 35 -3.44 17.89 -5.54
N PRO A 36 -3.01 18.59 -4.48
CA PRO A 36 -2.36 18.09 -3.27
C PRO A 36 -3.35 17.27 -2.40
N ALA A 37 -2.94 16.10 -1.90
CA ALA A 37 -3.84 15.25 -1.14
C ALA A 37 -4.10 15.84 0.24
N ARG A 38 -5.30 15.61 0.75
CA ARG A 38 -5.62 16.01 2.12
C ARG A 38 -4.81 15.20 3.13
N ARG A 39 -4.26 15.88 4.14
CA ARG A 39 -3.49 15.19 5.20
C ARG A 39 -4.12 15.46 6.57
N HIS A 40 -3.97 14.50 7.50
CA HIS A 40 -4.52 14.69 8.86
C HIS A 40 -3.90 15.95 9.47
N PRO A 41 -4.74 16.84 10.02
CA PRO A 41 -4.23 18.08 10.60
C PRO A 41 -3.21 17.85 11.74
N ALA A 42 -3.29 16.71 12.41
CA ALA A 42 -2.40 16.44 13.53
C ALA A 42 -1.25 15.51 13.14
N SER A 43 -0.97 15.40 11.85
CA SER A 43 0.06 14.46 11.34
C SER A 43 1.39 14.61 12.08
N ASP A 44 1.88 15.82 12.25
CA ASP A 44 3.21 15.98 12.82
C ASP A 44 3.26 15.43 14.23
N ARG A 45 2.24 15.75 15.02
CA ARG A 45 2.10 15.29 16.39
C ARG A 45 1.95 13.77 16.45
N ILE A 46 1.10 13.23 15.58
CA ILE A 46 0.89 11.78 15.51
C ILE A 46 2.18 11.06 15.16
N ARG A 47 2.90 11.57 14.17
CA ARG A 47 4.11 10.86 13.68
C ARG A 47 5.20 10.90 14.76
N ARG A 48 5.27 11.97 15.54
CA ARG A 48 6.25 12.01 16.61
C ARG A 48 6.00 10.91 17.62
N SER A 49 4.76 10.79 18.12
CA SER A 49 4.43 9.71 19.04
C SER A 49 4.66 8.35 18.41
N CYS A 50 4.29 8.19 17.13
CA CYS A 50 4.50 6.90 16.47
C CYS A 50 5.97 6.55 16.47
N GLU A 51 6.81 7.48 16.03
CA GLU A 51 8.27 7.21 15.95
C GLU A 51 8.78 6.79 17.34
N THR A 52 8.41 7.55 18.37
CA THR A 52 8.83 7.15 19.72
C THR A 52 8.44 5.70 20.01
N TRP A 53 7.18 5.36 19.74
CA TRP A 53 6.70 4.00 19.95
C TRP A 53 7.51 2.98 19.16
N VAL A 54 7.83 3.29 17.90
CA VAL A 54 8.55 2.33 17.06
C VAL A 54 9.93 2.06 17.62
N ARG A 55 10.66 3.13 17.95
CA ARG A 55 12.01 2.96 18.47
C ARG A 55 12.04 2.25 19.82
N ALA A 56 10.95 2.30 20.57
CA ALA A 56 10.88 1.65 21.87
C ALA A 56 10.49 0.18 21.76
N ASN A 57 9.58 -0.14 20.85
CA ASN A 57 8.98 -1.48 20.81
C ASN A 57 9.48 -2.36 19.68
N MET A 58 10.00 -1.80 18.59
CA MET A 58 10.41 -2.60 17.45
C MET A 58 11.91 -2.76 17.36
N ARG A 59 12.65 -2.21 18.33
CA ARG A 59 14.11 -2.31 18.34
C ARG A 59 14.58 -3.77 18.26
N PHE A 60 13.89 -4.68 18.94
CA PHE A 60 14.28 -6.10 18.91
C PHE A 60 14.41 -6.63 17.49
N ALA A 61 13.69 -6.05 16.52
CA ALA A 61 13.61 -6.57 15.16
C ALA A 61 14.67 -6.02 14.21
N MET A 62 15.40 -4.97 14.61
CA MET A 62 16.33 -4.28 13.72
C MET A 62 17.76 -4.62 14.11
N ALA A 63 18.62 -4.82 13.10
CA ALA A 63 20.03 -5.12 13.34
C ALA A 63 20.70 -4.01 14.15
N ASP A 64 20.69 -2.79 13.62
CA ASP A 64 21.43 -1.70 14.21
C ASP A 64 20.62 -0.41 14.11
N GLN A 65 21.15 0.62 14.77
CA GLN A 65 20.53 1.95 14.76
C GLN A 65 20.31 2.47 13.34
N ALA A 66 21.27 2.22 12.44
CA ALA A 66 21.19 2.79 11.10
C ALA A 66 20.00 2.22 10.33
N GLU A 67 19.77 0.91 10.46
CA GLU A 67 18.64 0.27 9.80
C GLU A 67 17.31 0.79 10.35
N MET A 68 17.23 0.95 11.67
CA MET A 68 16.03 1.52 12.29
C MET A 68 15.74 2.91 11.73
N ASP A 69 16.78 3.76 11.66
CA ASP A 69 16.59 5.12 11.15
C ASP A 69 16.15 5.10 9.69
N ALA A 70 16.78 4.25 8.88
CA ALA A 70 16.46 4.15 7.46
C ALA A 70 15.01 3.76 7.28
N LEU A 71 14.52 2.83 8.11
CA LEU A 71 13.14 2.38 7.97
C LEU A 71 12.18 3.48 8.39
N ILE A 72 12.45 4.13 9.53
CA ILE A 72 11.57 5.26 9.94
C ILE A 72 11.58 6.34 8.85
N GLU A 73 12.73 6.53 8.19
CA GLU A 73 12.84 7.59 7.19
C GLU A 73 11.92 7.34 5.99
N GLU A 74 11.53 6.07 5.73
CA GLU A 74 10.61 5.80 4.62
C GLU A 74 9.22 6.40 4.83
N GLY A 75 8.83 6.65 6.08
CA GLY A 75 7.57 7.32 6.37
C GLY A 75 6.30 6.50 6.26
N ALA A 76 6.32 5.24 6.71
CA ALA A 76 5.09 4.44 6.64
C ALA A 76 3.94 5.10 7.39
N ALA A 77 4.23 5.68 8.58
CA ALA A 77 3.20 6.37 9.34
C ALA A 77 2.64 7.58 8.58
N LEU A 78 3.47 8.23 7.75
CA LEU A 78 2.99 9.34 6.92
C LEU A 78 2.00 8.85 5.86
N TRP A 79 2.28 7.68 5.26
CA TRP A 79 1.28 7.07 4.38
C TRP A 79 -0.06 7.01 5.09
N THR A 80 -0.07 6.48 6.31
CA THR A 80 -1.33 6.30 7.02
C THR A 80 -2.02 7.65 7.25
N CYS A 81 -1.25 8.69 7.61
CA CYS A 81 -1.84 10.03 7.81
C CYS A 81 -2.35 10.65 6.52
N TYR A 82 -1.78 10.28 5.36
CA TYR A 82 -2.32 10.77 4.07
C TYR A 82 -3.53 9.95 3.63
N VAL A 83 -3.53 8.65 3.93
CA VAL A 83 -4.59 7.78 3.45
C VAL A 83 -5.85 7.88 4.33
N LEU A 84 -5.69 8.17 5.63
CA LEU A 84 -6.86 8.29 6.50
C LEU A 84 -6.91 9.67 7.16
N PRO A 85 -6.93 10.75 6.37
CA PRO A 85 -6.81 12.10 6.95
C PRO A 85 -8.05 12.60 7.69
N THR A 86 -9.20 11.90 7.65
CA THR A 86 -10.36 12.32 8.41
C THR A 86 -10.61 11.40 9.60
N ALA A 87 -9.67 10.50 9.90
CA ALA A 87 -9.78 9.62 11.07
C ALA A 87 -9.65 10.42 12.36
N ASP A 88 -10.15 9.82 13.43
CA ASP A 88 -9.94 10.39 14.78
C ASP A 88 -8.45 10.31 15.06
N GLU A 89 -7.88 11.34 15.66
CA GLU A 89 -6.42 11.40 15.86
C GLU A 89 -5.90 10.26 16.74
N ASP A 90 -6.55 9.99 17.87
CA ASP A 90 -6.04 8.92 18.73
C ASP A 90 -6.13 7.56 18.06
N ARG A 91 -7.23 7.32 17.33
CA ARG A 91 -7.34 6.07 16.58
C ARG A 91 -6.26 6.00 15.51
N LEU A 92 -6.02 7.12 14.82
CA LEU A 92 -5.03 7.13 13.74
C LEU A 92 -3.64 6.84 14.25
N LEU A 93 -3.29 7.33 15.45
CA LEU A 93 -2.01 6.96 16.04
C LEU A 93 -1.88 5.45 16.16
N ASN A 94 -2.92 4.77 16.64
CA ASN A 94 -2.88 3.30 16.71
C ASN A 94 -2.62 2.70 15.33
N LEU A 95 -3.30 3.23 14.31
CA LEU A 95 -3.17 2.68 12.96
C LEU A 95 -1.77 2.94 12.41
N CYS A 96 -1.21 4.13 12.67
CA CYS A 96 0.18 4.38 12.27
C CYS A 96 1.12 3.36 12.88
N ARG A 97 0.95 3.06 14.18
CA ARG A 97 1.85 2.11 14.79
C ARG A 97 1.68 0.72 14.18
N TYR A 98 0.45 0.36 13.81
CA TYR A 98 0.22 -0.90 13.10
C TYR A 98 0.91 -0.90 11.74
N THR A 99 0.84 0.24 11.03
CA THR A 99 1.47 0.31 9.72
C THR A 99 2.98 0.13 9.84
N GLU A 100 3.59 0.80 10.82
CA GLU A 100 5.01 0.63 11.01
C GLU A 100 5.35 -0.81 11.42
N TYR A 101 4.53 -1.42 12.28
CA TYR A 101 4.75 -2.80 12.67
C TYR A 101 4.84 -3.71 11.45
N LEU A 102 3.90 -3.54 10.52
CA LEU A 102 3.89 -4.40 9.33
C LEU A 102 5.11 -4.13 8.47
N SER A 103 5.54 -2.87 8.35
CA SER A 103 6.76 -2.60 7.58
C SER A 103 7.99 -3.19 8.25
N VAL A 104 8.10 -3.07 9.59
CA VAL A 104 9.23 -3.66 10.29
C VAL A 104 9.22 -5.19 10.13
N PHE A 105 8.04 -5.80 10.21
CA PHE A 105 7.93 -7.23 10.00
C PHE A 105 8.43 -7.61 8.60
N ASP A 106 7.98 -6.88 7.59
CA ASP A 106 8.40 -7.17 6.20
C ASP A 106 9.92 -7.11 6.09
N ASN A 107 10.50 -6.06 6.64
CA ASN A 107 11.96 -5.85 6.51
C ASN A 107 12.74 -6.90 7.28
N ALA A 108 12.30 -7.26 8.48
CA ALA A 108 13.12 -8.14 9.29
C ALA A 108 12.89 -9.61 9.00
N MET A 109 11.67 -9.97 8.60
CA MET A 109 11.22 -11.37 8.54
C MET A 109 11.06 -11.89 7.13
N VAL A 110 10.82 -11.01 6.16
CA VAL A 110 10.52 -11.49 4.78
C VAL A 110 11.69 -11.22 3.82
N ASP A 111 12.33 -12.28 3.34
CA ASP A 111 13.39 -12.16 2.31
C ASP A 111 12.80 -12.72 1.02
N ARG A 112 12.15 -11.87 0.23
CA ARG A 112 11.46 -12.35 -0.96
C ARG A 112 12.39 -13.14 -1.87
N THR A 113 13.68 -12.77 -1.91
CA THR A 113 14.63 -13.48 -2.74
C THR A 113 14.89 -14.89 -2.19
N LYS A 114 15.24 -14.98 -0.91
CA LYS A 114 15.52 -16.29 -0.30
C LYS A 114 14.33 -17.23 -0.43
N ILE A 115 13.10 -16.74 -0.20
CA ILE A 115 11.94 -17.63 -0.13
C ILE A 115 11.32 -17.92 -1.49
N GLY A 116 11.71 -17.18 -2.54
CA GLY A 116 11.35 -17.61 -3.89
C GLY A 116 12.21 -18.74 -4.39
N LYS A 117 13.49 -18.77 -4.00
CA LYS A 117 14.42 -19.80 -4.44
C LYS A 117 14.49 -21.01 -3.52
N ASP A 118 13.91 -20.95 -2.33
CA ASP A 118 14.12 -21.96 -1.30
C ASP A 118 12.78 -22.28 -0.62
N PRO A 119 12.12 -23.37 -1.03
CA PRO A 119 10.80 -23.69 -0.45
C PRO A 119 10.83 -23.99 1.05
N ASP A 120 11.96 -24.51 1.56
CA ASP A 120 12.06 -24.74 3.00
C ASP A 120 12.04 -23.41 3.76
N ALA A 121 12.74 -22.41 3.23
CA ALA A 121 12.74 -21.10 3.87
C ALA A 121 11.37 -20.45 3.75
N ALA A 122 10.69 -20.63 2.62
CA ALA A 122 9.32 -20.14 2.51
C ALA A 122 8.44 -20.81 3.55
N LYS A 123 8.57 -22.13 3.69
CA LYS A 123 7.71 -22.86 4.61
C LYS A 123 7.96 -22.42 6.04
N GLU A 124 9.23 -22.21 6.41
CA GLU A 124 9.56 -21.81 7.77
C GLU A 124 8.93 -20.46 8.10
N LEU A 125 9.01 -19.52 7.17
CA LEU A 125 8.37 -18.22 7.39
C LEU A 125 6.87 -18.37 7.57
N PHE A 126 6.22 -19.17 6.72
CA PHE A 126 4.78 -19.30 6.82
C PHE A 126 4.38 -19.89 8.18
N HIS A 127 5.10 -20.93 8.63
CA HIS A 127 4.82 -21.49 9.95
C HIS A 127 4.94 -20.42 11.05
N ARG A 128 6.00 -19.61 11.00
CA ARG A 128 6.17 -18.60 12.04
C ARG A 128 5.06 -17.55 12.00
N VAL A 129 4.59 -17.17 10.81
CA VAL A 129 3.53 -16.16 10.72
C VAL A 129 2.23 -16.72 11.29
N VAL A 130 1.93 -17.98 11.00
CA VAL A 130 0.75 -18.61 11.60
C VAL A 130 0.81 -18.50 13.12
N ASN A 131 1.96 -18.84 13.71
CA ASN A 131 2.10 -18.78 15.18
C ASN A 131 1.82 -17.37 15.70
N ILE A 132 2.37 -16.36 15.02
CA ILE A 132 2.25 -14.98 15.52
C ILE A 132 0.82 -14.48 15.34
N LEU A 133 0.24 -14.73 14.17
CA LEU A 133 -1.11 -14.26 13.89
C LEU A 133 -2.12 -14.86 14.85
N ALA A 134 -1.95 -16.15 15.17
CA ALA A 134 -2.84 -16.87 16.09
C ALA A 134 -2.50 -16.61 17.56
N ASP A 135 -1.55 -15.71 17.85
CA ASP A 135 -1.17 -15.38 19.22
C ASP A 135 -0.73 -16.63 19.99
N ARG A 136 0.21 -17.37 19.38
CA ARG A 136 0.85 -18.55 19.93
C ARG A 136 2.36 -18.41 19.89
N ALA A 137 2.88 -17.18 19.90
CA ALA A 137 4.30 -16.94 19.62
C ALA A 137 5.13 -17.14 20.89
N VAL A 138 6.13 -18.01 20.81
CA VAL A 138 7.02 -18.32 21.92
C VAL A 138 8.46 -18.20 21.42
N GLY A 139 9.41 -18.36 22.34
CA GLY A 139 10.80 -18.39 21.97
C GLY A 139 11.20 -17.15 21.19
N PRO A 140 11.97 -17.35 20.13
CA PRO A 140 12.53 -16.19 19.38
C PRO A 140 11.47 -15.22 18.90
N ASP A 141 10.28 -15.71 18.57
CA ASP A 141 9.21 -14.87 18.03
C ASP A 141 8.29 -14.30 19.07
N PHE A 142 8.59 -14.50 20.37
CA PHE A 142 7.68 -14.05 21.43
C PHE A 142 7.31 -12.57 21.27
N GLU A 143 8.31 -11.71 20.98
CA GLU A 143 8.06 -10.27 20.96
C GLU A 143 7.13 -9.86 19.81
N TRP A 144 7.27 -10.50 18.64
CA TRP A 144 6.34 -10.23 17.54
C TRP A 144 4.91 -10.38 17.98
N GLY A 145 4.61 -11.43 18.76
CA GLY A 145 3.24 -11.66 19.18
C GLY A 145 2.85 -10.82 20.37
N ARG A 146 3.80 -10.50 21.24
CA ARG A 146 3.49 -9.61 22.35
C ARG A 146 3.13 -8.22 21.83
N VAL A 147 3.97 -7.65 20.96
CA VAL A 147 3.72 -6.31 20.44
C VAL A 147 2.40 -6.26 19.66
N LEU A 148 2.19 -7.23 18.77
CA LEU A 148 0.93 -7.25 18.03
C LEU A 148 -0.26 -7.36 18.96
N GLY A 149 -0.14 -8.19 20.01
CA GLY A 149 -1.23 -8.32 20.98
C GLY A 149 -1.57 -7.03 21.69
N GLU A 150 -0.56 -6.27 22.13
CA GLU A 150 -0.87 -5.02 22.82
C GLU A 150 -1.44 -3.99 21.86
N LEU A 151 -0.88 -3.95 20.64
CA LEU A 151 -1.35 -3.02 19.63
C LEU A 151 -2.81 -3.31 19.26
N TRP A 152 -3.15 -4.58 18.99
CA TRP A 152 -4.55 -4.88 18.70
C TRP A 152 -5.43 -4.68 19.92
N ARG A 153 -4.87 -4.86 21.12
CA ARG A 153 -5.61 -4.53 22.34
C ARG A 153 -6.00 -3.06 22.37
N ASP A 154 -5.04 -2.17 22.15
CA ASP A 154 -5.35 -0.75 22.07
C ASP A 154 -6.35 -0.45 20.96
N MET A 155 -6.18 -1.09 19.79
CA MET A 155 -7.02 -0.76 18.64
C MET A 155 -8.45 -1.21 18.86
N ARG A 156 -8.64 -2.26 19.66
CA ARG A 156 -9.96 -2.85 19.80
C ARG A 156 -10.89 -1.99 20.66
N VAL A 157 -10.35 -1.04 21.41
CA VAL A 157 -11.19 -0.13 22.18
C VAL A 157 -11.97 0.77 21.23
N GLY A 158 -13.29 0.72 21.31
CA GLY A 158 -14.09 1.56 20.44
C GLY A 158 -14.14 1.07 19.02
N PHE A 159 -13.87 -0.22 18.82
CA PHE A 159 -13.80 -0.89 17.52
C PHE A 159 -14.93 -1.92 17.51
N PRO A 160 -16.09 -1.63 16.91
CA PRO A 160 -17.22 -2.55 17.02
C PRO A 160 -16.87 -3.94 16.50
N GLU A 161 -17.38 -4.96 17.18
CA GLU A 161 -17.12 -6.35 16.78
C GLU A 161 -17.45 -6.66 15.32
N PRO A 162 -18.57 -6.24 14.73
CA PRO A 162 -18.77 -6.56 13.30
C PRO A 162 -17.68 -5.98 12.40
N VAL A 163 -17.10 -4.83 12.78
CA VAL A 163 -16.00 -4.24 12.01
C VAL A 163 -14.70 -4.97 12.32
N TRP A 164 -14.48 -5.29 13.59
CA TRP A 164 -13.27 -6.04 13.95
C TRP A 164 -13.20 -7.37 13.23
N ASP A 165 -14.31 -8.10 13.16
CA ASP A 165 -14.27 -9.40 12.46
C ASP A 165 -13.89 -9.23 10.98
N ARG A 166 -14.39 -8.18 10.34
CA ARG A 166 -14.05 -7.95 8.91
C ARG A 166 -12.57 -7.58 8.80
N PHE A 167 -12.04 -6.80 9.73
CA PHE A 167 -10.62 -6.49 9.72
C PHE A 167 -9.77 -7.78 9.87
N MET A 168 -10.17 -8.67 10.78
CA MET A 168 -9.41 -9.93 10.93
C MET A 168 -9.47 -10.74 9.64
N ALA A 169 -10.60 -10.76 8.96
CA ALA A 169 -10.68 -11.46 7.68
C ALA A 169 -9.74 -10.81 6.66
N GLU A 170 -9.59 -9.50 6.73
CA GLU A 170 -8.69 -8.79 5.78
C GLU A 170 -7.22 -9.12 6.09
N VAL A 171 -6.87 -9.26 7.36
CA VAL A 171 -5.49 -9.64 7.68
C VAL A 171 -5.17 -11.02 7.09
N ARG A 172 -6.11 -11.95 7.26
CA ARG A 172 -5.88 -13.30 6.74
C ARG A 172 -5.88 -13.32 5.22
N ARG A 173 -6.69 -12.44 4.60
CA ARG A 173 -6.70 -12.34 3.14
C ARG A 173 -5.37 -11.80 2.65
N PHE A 174 -4.79 -10.85 3.38
CA PHE A 174 -3.45 -10.33 3.09
C PHE A 174 -2.40 -11.43 3.13
N LEU A 175 -2.45 -12.28 4.17
CA LEU A 175 -1.55 -13.44 4.25
C LEU A 175 -1.71 -14.34 3.03
N SER A 176 -2.96 -14.71 2.70
CA SER A 176 -3.24 -15.57 1.55
C SER A 176 -2.70 -14.98 0.26
N GLY A 177 -2.96 -13.69 0.03
CA GLY A 177 -2.42 -13.03 -1.15
C GLY A 177 -0.90 -13.07 -1.20
N CYS A 178 -0.25 -12.78 -0.07
CA CYS A 178 1.21 -12.81 -0.06
C CYS A 178 1.74 -14.21 -0.34
N VAL A 179 1.06 -15.24 0.16
CA VAL A 179 1.44 -16.61 -0.13
C VAL A 179 1.26 -16.93 -1.61
N ALA A 180 0.08 -16.60 -2.17
CA ALA A 180 -0.17 -16.92 -3.57
C ALA A 180 0.79 -16.21 -4.51
N GLU A 181 1.27 -15.02 -4.11
CA GLU A 181 2.24 -14.32 -4.94
C GLU A 181 3.60 -15.00 -4.89
N ILE A 182 4.03 -15.48 -3.72
CA ILE A 182 5.27 -16.26 -3.64
C ILE A 182 5.09 -17.60 -4.36
N THR A 183 3.90 -18.21 -4.23
CA THR A 183 3.62 -19.49 -4.89
C THR A 183 3.96 -19.44 -6.37
N SER A 184 3.59 -18.36 -7.06
CA SER A 184 3.78 -18.26 -8.50
C SER A 184 5.00 -17.42 -8.89
N ARG A 185 5.75 -16.88 -7.93
CA ARG A 185 7.06 -16.28 -8.16
C ARG A 185 8.16 -17.33 -8.17
N SER A 186 8.06 -18.34 -7.29
CA SER A 186 8.87 -19.54 -7.37
C SER A 186 8.34 -20.53 -8.41
N ASP A 187 7.29 -20.16 -9.14
CA ASP A 187 6.83 -20.89 -10.32
C ASP A 187 7.51 -20.40 -11.59
N GLY A 188 8.13 -19.22 -11.56
CA GLY A 188 9.00 -18.75 -12.63
C GLY A 188 8.39 -17.70 -13.55
N MET A 189 7.10 -17.85 -13.82
CA MET A 189 6.44 -17.05 -14.85
C MET A 189 6.24 -15.62 -14.36
N VAL A 190 6.43 -14.66 -15.27
CA VAL A 190 5.87 -13.32 -15.06
C VAL A 190 4.42 -13.36 -15.52
N PHE A 191 3.53 -12.88 -14.66
CA PHE A 191 2.09 -13.00 -14.89
C PHE A 191 1.67 -12.34 -16.21
N ASP A 192 0.45 -12.67 -16.62
CA ASP A 192 -0.28 -11.81 -17.53
C ASP A 192 -1.18 -10.88 -16.72
N TYR A 193 -1.75 -9.87 -17.36
CA TYR A 193 -2.50 -8.84 -16.60
C TYR A 193 -3.61 -9.46 -15.76
N ASP A 194 -4.41 -10.32 -16.39
CA ASP A 194 -5.55 -10.83 -15.64
C ASP A 194 -5.12 -11.62 -14.42
N THR A 195 -4.06 -12.42 -14.55
CA THR A 195 -3.61 -13.19 -13.39
C THR A 195 -2.96 -12.28 -12.34
N TYR A 196 -2.18 -11.29 -12.78
CA TYR A 196 -1.62 -10.32 -11.84
C TYR A 196 -2.74 -9.70 -11.00
N LEU A 197 -3.84 -9.35 -11.65
CA LEU A 197 -4.97 -8.69 -10.95
C LEU A 197 -5.48 -9.57 -9.81
N LYS A 198 -5.75 -10.85 -10.08
CA LYS A 198 -6.31 -11.71 -9.03
C LYS A 198 -5.35 -11.89 -7.86
N VAL A 199 -4.04 -11.90 -8.11
CA VAL A 199 -3.09 -12.05 -7.00
C VAL A 199 -2.91 -10.74 -6.26
N ARG A 200 -2.64 -9.68 -7.01
CA ARG A 200 -2.25 -8.42 -6.39
C ARG A 200 -3.39 -7.81 -5.58
N ARG A 201 -4.65 -7.99 -6.01
CA ARG A 201 -5.79 -7.49 -5.25
C ARG A 201 -5.77 -7.98 -3.79
N ASP A 202 -5.22 -9.15 -3.54
CA ASP A 202 -5.14 -9.71 -2.19
C ASP A 202 -3.79 -9.44 -1.53
N SER A 203 -2.69 -9.48 -2.28
CA SER A 203 -1.38 -9.27 -1.66
C SER A 203 -1.12 -7.80 -1.32
N VAL A 204 -1.86 -6.87 -1.93
CA VAL A 204 -1.57 -5.47 -1.68
C VAL A 204 -1.89 -5.08 -0.23
N GLY A 205 -2.91 -5.70 0.38
CA GLY A 205 -3.18 -5.46 1.79
C GLY A 205 -4.02 -4.22 2.08
N MET A 206 -4.33 -3.42 1.06
CA MET A 206 -5.20 -2.26 1.22
C MET A 206 -6.59 -2.64 1.72
N GLY A 207 -7.07 -3.83 1.39
CA GLY A 207 -8.29 -4.34 1.99
C GLY A 207 -8.39 -4.11 3.49
N MET A 208 -7.27 -4.29 4.20
CA MET A 208 -7.22 -4.05 5.65
C MET A 208 -7.58 -2.60 5.95
N TYR A 209 -7.04 -1.65 5.17
CA TYR A 209 -7.25 -0.24 5.52
C TYR A 209 -8.63 0.29 5.14
N PHE A 210 -9.33 -0.35 4.20
CA PHE A 210 -10.70 0.09 3.97
C PHE A 210 -11.52 -0.12 5.23
N VAL A 211 -11.26 -1.21 5.92
CA VAL A 211 -12.03 -1.54 7.14
C VAL A 211 -11.50 -0.67 8.30
N LEU A 212 -10.17 -0.54 8.40
CA LEU A 212 -9.63 0.34 9.44
C LEU A 212 -10.15 1.77 9.28
N GLY A 213 -10.45 2.19 8.05
CA GLY A 213 -11.00 3.52 7.83
C GLY A 213 -12.38 3.71 8.44
N GLU A 214 -13.20 2.66 8.47
CA GLU A 214 -14.47 2.74 9.21
C GLU A 214 -14.20 2.96 10.69
N TYR A 215 -13.29 2.17 11.25
CA TYR A 215 -12.85 2.40 12.63
C TYR A 215 -12.37 3.83 12.83
N GLY A 216 -11.51 4.33 11.94
CA GLY A 216 -11.01 5.69 12.07
C GLY A 216 -12.12 6.72 12.17
N LEU A 217 -13.17 6.57 11.34
CA LEU A 217 -14.30 7.47 11.31
C LEU A 217 -15.29 7.23 12.45
N GLY A 218 -15.18 6.10 13.16
CA GLY A 218 -16.15 5.77 14.19
C GLY A 218 -17.49 5.34 13.64
N ILE A 219 -17.49 4.64 12.50
CA ILE A 219 -18.71 4.23 11.83
C ILE A 219 -18.66 2.71 11.64
N ASP A 220 -19.79 2.14 11.22
CA ASP A 220 -19.84 0.69 11.02
C ASP A 220 -20.77 0.43 9.85
N LEU A 221 -20.18 0.11 8.69
CA LEU A 221 -20.96 -0.07 7.47
C LEU A 221 -21.20 -1.54 7.13
N THR A 222 -21.04 -2.45 8.12
CA THR A 222 -21.19 -3.88 7.87
C THR A 222 -22.49 -4.17 7.13
N GLU A 223 -23.62 -3.73 7.70
CA GLU A 223 -24.93 -4.05 7.12
C GLU A 223 -25.08 -3.42 5.74
N ASP A 224 -24.61 -2.18 5.59
CA ASP A 224 -24.69 -1.52 4.30
C ASP A 224 -23.87 -2.23 3.23
N LEU A 225 -22.72 -2.75 3.60
CA LEU A 225 -21.86 -3.48 2.62
C LEU A 225 -22.55 -4.79 2.23
N THR A 226 -23.21 -5.43 3.19
CA THR A 226 -23.94 -6.66 2.88
C THR A 226 -25.10 -6.39 1.93
N ARG A 227 -25.84 -5.30 2.18
CA ARG A 227 -27.08 -5.00 1.48
C ARG A 227 -26.84 -4.46 0.07
N HIS A 228 -25.83 -3.60 -0.07
CA HIS A 228 -25.60 -2.88 -1.36
C HIS A 228 -24.27 -3.26 -2.02
N GLY A 229 -24.36 -3.99 -3.14
CA GLY A 229 -23.15 -4.36 -3.89
C GLY A 229 -22.49 -3.15 -4.54
N GLU A 230 -23.26 -2.10 -4.79
CA GLU A 230 -22.68 -0.85 -5.33
C GLU A 230 -21.70 -0.28 -4.31
N LEU A 231 -21.97 -0.47 -3.02
CA LEU A 231 -21.00 0.01 -2.04
C LEU A 231 -19.75 -0.87 -2.02
N ARG A 232 -19.93 -2.19 -2.07
CA ARG A 232 -18.78 -3.08 -2.22
C ARG A 232 -18.04 -2.75 -3.51
N GLU A 233 -18.74 -2.43 -4.58
CA GLU A 233 -18.06 -2.19 -5.87
C GLU A 233 -17.15 -0.95 -5.78
N ILE A 234 -17.61 0.13 -5.14
CA ILE A 234 -16.79 1.38 -5.10
C ILE A 234 -15.53 1.10 -4.29
N VAL A 235 -15.63 0.32 -3.22
CA VAL A 235 -14.42 -0.09 -2.48
C VAL A 235 -13.46 -0.82 -3.41
N ASP A 236 -14.00 -1.74 -4.20
CA ASP A 236 -13.18 -2.50 -5.14
C ASP A 236 -12.51 -1.63 -6.20
N ILE A 237 -13.18 -0.55 -6.63
CA ILE A 237 -12.57 0.35 -7.60
C ILE A 237 -11.39 1.08 -6.95
N ALA A 238 -11.59 1.56 -5.73
CA ALA A 238 -10.50 2.22 -5.01
C ALA A 238 -9.34 1.25 -4.76
N LEU A 239 -9.65 -0.02 -4.42
CA LEU A 239 -8.59 -1.01 -4.25
C LEU A 239 -7.68 -1.08 -5.47
N GLU A 240 -8.27 -1.21 -6.66
CA GLU A 240 -7.44 -1.38 -7.88
C GLU A 240 -6.68 -0.08 -8.18
N HIS A 241 -7.35 1.06 -8.00
CA HIS A 241 -6.68 2.34 -8.20
C HIS A 241 -5.41 2.39 -7.36
N ILE A 242 -5.52 2.08 -6.07
CA ILE A 242 -4.39 2.17 -5.14
C ILE A 242 -3.31 1.15 -5.48
N MET A 243 -3.70 -0.09 -5.79
CA MET A 243 -2.65 -1.09 -6.04
C MET A 243 -1.93 -0.79 -7.34
N LEU A 244 -2.66 -0.30 -8.35
CA LEU A 244 -2.00 0.01 -9.63
C LEU A 244 -1.13 1.25 -9.51
N THR A 245 -1.63 2.27 -8.81
CA THR A 245 -0.81 3.45 -8.57
C THR A 245 0.45 3.08 -7.82
N ASN A 246 0.30 2.25 -6.78
CA ASN A 246 1.47 1.79 -6.05
C ASN A 246 2.47 1.13 -6.98
N ASP A 247 2.00 0.26 -7.88
CA ASP A 247 2.91 -0.45 -8.78
C ASP A 247 3.67 0.52 -9.69
N LEU A 248 2.97 1.55 -10.19
CA LEU A 248 3.65 2.55 -11.04
C LEU A 248 4.86 3.16 -10.34
N PHE A 249 4.74 3.49 -9.06
CA PHE A 249 5.81 4.18 -8.35
C PHE A 249 6.79 3.22 -7.68
N SER A 250 6.39 1.98 -7.43
CA SER A 250 7.29 0.98 -6.83
C SER A 250 8.02 0.17 -7.88
N PHE A 251 7.74 0.43 -9.17
CA PHE A 251 8.31 -0.38 -10.25
C PHE A 251 9.83 -0.38 -10.21
N ARG A 252 10.45 0.80 -10.10
CA ARG A 252 11.90 0.88 -10.15
C ARG A 252 12.54 0.05 -9.06
N ALA A 253 12.08 0.23 -7.82
CA ALA A 253 12.71 -0.47 -6.71
C ALA A 253 12.42 -1.97 -6.77
N GLU A 254 11.18 -2.35 -7.09
CA GLU A 254 10.80 -3.77 -7.02
C GLU A 254 11.38 -4.56 -8.18
N CYS A 255 11.58 -3.94 -9.34
CA CYS A 255 12.12 -4.65 -10.49
C CYS A 255 13.65 -4.58 -10.52
N ALA A 256 14.27 -3.84 -9.60
CA ALA A 256 15.68 -3.91 -9.28
C ALA A 256 16.00 -4.94 -8.19
N MET A 257 14.97 -5.58 -7.64
CA MET A 257 15.10 -6.75 -6.75
C MET A 257 14.63 -8.05 -7.41
N ASP A 258 14.11 -7.99 -8.65
CA ASP A 258 13.62 -9.15 -9.40
C ASP A 258 12.30 -9.70 -8.86
N ASP A 259 11.49 -8.84 -8.24
CA ASP A 259 10.11 -9.12 -7.89
C ASP A 259 9.24 -8.47 -8.97
N TYR A 260 8.56 -9.28 -9.77
CA TYR A 260 7.83 -8.77 -10.92
C TYR A 260 6.33 -8.92 -10.80
N VAL A 261 5.80 -9.06 -9.58
CA VAL A 261 4.34 -8.98 -9.40
C VAL A 261 4.03 -7.49 -9.35
N ASN A 262 4.10 -6.86 -10.52
CA ASN A 262 4.02 -5.41 -10.69
C ASN A 262 3.36 -5.12 -12.02
N ALA A 263 2.32 -4.29 -12.01
CA ALA A 263 1.50 -4.08 -13.21
C ALA A 263 2.33 -3.52 -14.36
N LEU A 264 3.26 -2.62 -14.07
CA LEU A 264 4.06 -2.06 -15.15
C LEU A 264 5.01 -3.11 -15.75
N ALA A 265 5.67 -3.90 -14.89
CA ALA A 265 6.42 -5.05 -15.39
C ALA A 265 5.55 -5.97 -16.24
N VAL A 266 4.33 -6.25 -15.79
CA VAL A 266 3.43 -7.11 -16.56
C VAL A 266 3.15 -6.52 -17.93
N LEU A 267 2.85 -5.21 -17.99
CA LEU A 267 2.58 -4.58 -19.28
C LEU A 267 3.82 -4.57 -20.18
N ARG A 268 5.01 -4.41 -19.60
CA ARG A 268 6.24 -4.47 -20.40
C ARG A 268 6.51 -5.89 -20.88
N LEU A 269 6.73 -6.81 -19.93
CA LEU A 269 7.27 -8.14 -20.21
C LEU A 269 6.24 -9.09 -20.80
N SER A 270 4.96 -8.90 -20.49
CA SER A 270 3.95 -9.83 -20.96
C SER A 270 3.13 -9.29 -22.13
N GLU A 271 2.97 -7.97 -22.26
CA GLU A 271 2.24 -7.42 -23.39
C GLU A 271 3.13 -6.69 -24.38
N GLY A 272 4.44 -6.65 -24.13
CA GLY A 272 5.40 -6.16 -25.12
C GLY A 272 5.37 -4.67 -25.38
N LEU A 273 4.88 -3.85 -24.45
CA LEU A 273 4.90 -2.41 -24.64
C LEU A 273 6.27 -1.83 -24.34
N GLU A 274 6.68 -0.85 -25.14
CA GLU A 274 7.83 -0.02 -24.76
C GLU A 274 7.52 0.70 -23.46
N LEU A 275 8.59 1.17 -22.79
CA LEU A 275 8.43 1.73 -21.44
C LEU A 275 7.44 2.90 -21.44
N GLN A 276 7.61 3.91 -22.31
CA GLN A 276 6.66 5.03 -22.33
C GLN A 276 5.24 4.53 -22.64
N ASP A 277 5.09 3.64 -23.61
CA ASP A 277 3.75 3.16 -23.93
C ASP A 277 3.17 2.33 -22.78
N ALA A 278 4.01 1.62 -22.03
CA ALA A 278 3.50 0.88 -20.88
C ALA A 278 3.07 1.85 -19.77
N VAL A 279 3.85 2.90 -19.53
CA VAL A 279 3.43 3.93 -18.58
C VAL A 279 2.15 4.61 -19.05
N ASP A 280 2.05 4.96 -20.34
CA ASP A 280 0.83 5.58 -20.82
C ASP A 280 -0.36 4.67 -20.61
N ARG A 281 -0.18 3.37 -20.88
CA ARG A 281 -1.28 2.43 -20.74
C ARG A 281 -1.71 2.30 -19.29
N LEU A 282 -0.75 2.17 -18.36
CA LEU A 282 -1.09 2.06 -16.94
C LEU A 282 -1.71 3.35 -16.41
N PHE A 283 -1.22 4.50 -16.87
CA PHE A 283 -1.86 5.76 -16.55
C PHE A 283 -3.32 5.76 -16.99
N THR A 284 -3.59 5.29 -18.20
CA THR A 284 -4.96 5.31 -18.71
C THR A 284 -5.85 4.39 -17.87
N VAL A 285 -5.35 3.21 -17.50
CA VAL A 285 -6.15 2.25 -16.69
C VAL A 285 -6.47 2.89 -15.33
N ILE A 286 -5.48 3.49 -14.70
CA ILE A 286 -5.71 4.07 -13.37
C ILE A 286 -6.70 5.23 -13.47
N GLU A 287 -6.57 6.08 -14.51
CA GLU A 287 -7.54 7.14 -14.72
C GLU A 287 -8.95 6.59 -14.89
N GLY A 288 -9.07 5.44 -15.59
CA GLY A 288 -10.36 4.78 -15.73
C GLY A 288 -10.95 4.37 -14.38
N ARG A 289 -10.12 3.92 -13.46
CA ARG A 289 -10.62 3.61 -12.12
C ARG A 289 -11.01 4.90 -11.40
N ARG A 290 -10.25 5.98 -11.60
CA ARG A 290 -10.67 7.23 -10.97
C ARG A 290 -12.02 7.70 -11.52
N THR A 291 -12.22 7.64 -12.85
CA THR A 291 -13.50 8.10 -13.36
C THR A 291 -14.63 7.15 -12.97
N ASP A 292 -14.36 5.83 -12.97
CA ASP A 292 -15.36 4.87 -12.50
C ASP A 292 -15.75 5.15 -11.06
N PHE A 293 -14.76 5.46 -10.22
CA PHE A 293 -15.03 5.81 -8.82
C PHE A 293 -15.95 7.03 -8.71
N MET A 294 -15.63 8.11 -9.45
CA MET A 294 -16.47 9.30 -9.29
C MET A 294 -17.89 9.01 -9.77
N ALA A 295 -18.04 8.26 -10.84
CA ALA A 295 -19.38 7.91 -11.32
C ALA A 295 -20.13 7.07 -10.29
N ALA A 296 -19.44 6.12 -9.67
CA ALA A 296 -20.10 5.29 -8.66
C ALA A 296 -20.47 6.15 -7.46
N ARG A 297 -19.59 7.07 -7.10
CA ARG A 297 -19.87 7.91 -5.95
C ARG A 297 -21.09 8.79 -6.19
N ARG A 298 -21.22 9.37 -7.40
CA ARG A 298 -22.41 10.19 -7.71
C ARG A 298 -23.69 9.37 -7.56
N ARG A 299 -23.69 8.15 -8.06
CA ARG A 299 -24.90 7.29 -7.94
C ARG A 299 -25.17 7.01 -6.46
N LEU A 300 -24.14 6.70 -5.67
CA LEU A 300 -24.39 6.36 -4.28
C LEU A 300 -24.88 7.58 -3.49
N GLU A 301 -24.33 8.76 -3.79
CA GLU A 301 -24.73 9.96 -3.03
C GLU A 301 -26.09 10.48 -3.45
N SER A 302 -26.66 9.95 -4.53
CA SER A 302 -27.99 10.33 -4.95
C SER A 302 -29.04 9.25 -4.69
N GLY A 303 -28.65 8.07 -4.21
CA GLY A 303 -29.57 6.98 -3.94
C GLY A 303 -30.05 6.93 -2.51
N GLU A 304 -30.48 5.72 -2.07
CA GLU A 304 -31.04 5.53 -0.73
C GLU A 304 -30.07 5.92 0.37
N LEU A 305 -28.77 5.69 0.14
CA LEU A 305 -27.79 5.94 1.18
C LEU A 305 -27.33 7.38 1.21
N GLY A 306 -27.81 8.23 0.27
CA GLY A 306 -27.30 9.58 0.14
C GLY A 306 -27.64 10.50 1.29
N GLY A 307 -28.64 10.15 2.09
CA GLY A 307 -28.87 10.94 3.28
C GLY A 307 -28.02 10.59 4.47
N ARG A 308 -27.14 9.60 4.35
CA ARG A 308 -26.38 9.08 5.49
C ARG A 308 -25.06 9.84 5.60
N ALA A 309 -24.89 10.60 6.68
CA ALA A 309 -23.62 11.31 6.88
C ALA A 309 -22.45 10.32 7.03
N ASP A 310 -22.67 9.15 7.66
CA ASP A 310 -21.58 8.19 7.81
C ASP A 310 -21.16 7.61 6.47
N VAL A 311 -22.12 7.33 5.59
CA VAL A 311 -21.77 6.85 4.26
C VAL A 311 -21.08 7.95 3.46
N ARG A 312 -21.60 9.19 3.50
CA ARG A 312 -20.93 10.29 2.81
C ARG A 312 -19.49 10.46 3.31
N ALA A 313 -19.30 10.43 4.63
CA ALA A 313 -17.97 10.54 5.19
C ALA A 313 -17.07 9.43 4.68
N TYR A 314 -17.62 8.23 4.50
CA TYR A 314 -16.80 7.10 4.06
C TYR A 314 -16.44 7.24 2.58
N LEU A 315 -17.37 7.73 1.75
CA LEU A 315 -17.06 7.89 0.32
C LEU A 315 -15.99 8.95 0.13
N ASP A 316 -16.11 10.07 0.85
CA ASP A 316 -15.02 11.05 0.95
C ASP A 316 -13.71 10.39 1.40
N ALA A 317 -13.74 9.55 2.46
CA ALA A 317 -12.54 8.84 2.92
C ALA A 317 -11.93 7.94 1.84
N LEU A 318 -12.77 7.25 1.06
CA LEU A 318 -12.22 6.44 -0.04
C LEU A 318 -11.43 7.31 -1.01
N TRP A 319 -11.95 8.48 -1.32
CA TRP A 319 -11.18 9.40 -2.19
C TRP A 319 -9.81 9.70 -1.57
N HIS A 320 -9.79 10.02 -0.27
CA HIS A 320 -8.52 10.39 0.38
C HIS A 320 -7.53 9.23 0.39
N MET A 321 -8.02 7.99 0.43
CA MET A 321 -7.12 6.85 0.37
C MET A 321 -6.44 6.77 -0.99
N MET A 322 -7.20 7.01 -2.07
CA MET A 322 -6.61 7.02 -3.41
C MET A 322 -5.62 8.19 -3.54
N ALA A 323 -6.04 9.38 -3.10
CA ALA A 323 -5.20 10.57 -3.27
C ALA A 323 -3.97 10.50 -2.38
N GLY A 324 -4.16 10.13 -1.12
CA GLY A 324 -3.03 10.09 -0.22
C GLY A 324 -2.03 9.04 -0.61
N ASN A 325 -2.51 7.92 -1.15
CA ASN A 325 -1.59 6.88 -1.61
C ASN A 325 -0.69 7.40 -2.73
N LEU A 326 -1.27 8.15 -3.69
CA LEU A 326 -0.49 8.74 -4.77
C LEU A 326 0.51 9.76 -4.22
N GLN A 327 0.02 10.66 -3.36
CA GLN A 327 0.88 11.70 -2.79
C GLN A 327 2.12 11.09 -2.11
N TRP A 328 1.91 10.09 -1.24
CA TRP A 328 3.01 9.48 -0.50
C TRP A 328 3.99 8.76 -1.44
N SER A 329 3.52 8.26 -2.59
CA SER A 329 4.40 7.55 -3.51
C SER A 329 5.52 8.45 -4.03
N TYR A 330 5.27 9.76 -4.15
CA TYR A 330 6.33 10.71 -4.50
C TYR A 330 7.29 10.94 -3.34
N LEU A 331 6.82 10.84 -2.11
CA LEU A 331 7.61 11.29 -0.95
C LEU A 331 8.60 10.25 -0.42
N THR A 332 8.31 8.97 -0.58
CA THR A 332 8.98 7.96 0.24
C THR A 332 10.30 7.49 -0.36
N SER A 333 11.32 7.45 0.48
CA SER A 333 12.59 6.83 0.12
C SER A 333 12.42 5.35 -0.17
N ARG A 334 11.34 4.72 0.32
CA ARG A 334 11.20 3.28 0.06
C ARG A 334 11.19 3.03 -1.44
N TYR A 335 10.53 3.90 -2.21
CA TYR A 335 10.46 3.77 -3.66
C TYR A 335 11.48 4.59 -4.42
N ASN A 336 11.90 5.74 -3.89
CA ASN A 336 12.65 6.70 -4.70
C ASN A 336 14.14 6.76 -4.40
N GLY A 337 14.60 6.00 -3.41
CA GLY A 337 16.02 5.85 -3.13
C GLY A 337 16.42 6.31 -1.74
N ILE A 338 17.44 5.66 -1.17
CA ILE A 338 18.00 6.11 0.11
C ILE A 338 18.33 7.57 0.05
N GLY A 339 17.92 8.31 1.08
CA GLY A 339 18.17 9.73 1.15
C GLY A 339 17.25 10.60 0.32
N HIS A 340 16.28 10.01 -0.39
CA HIS A 340 15.37 10.78 -1.23
C HIS A 340 14.68 11.88 -0.43
N VAL A 341 14.73 13.09 -0.95
CA VAL A 341 13.89 14.19 -0.48
C VAL A 341 13.16 14.76 -1.69
N TRP A 342 11.83 14.66 -1.71
CA TRP A 342 11.06 15.04 -2.90
C TRP A 342 11.21 16.51 -3.18
N ASN A 343 11.48 16.84 -4.46
CA ASN A 343 11.63 18.20 -4.94
C ASN A 343 10.30 18.82 -5.39
N ASN A 344 9.16 18.18 -5.06
CA ASN A 344 7.80 18.68 -5.33
C ASN A 344 7.43 18.66 -6.82
N VAL A 345 8.19 17.96 -7.64
CA VAL A 345 7.87 17.83 -9.07
C VAL A 345 6.93 16.65 -9.23
N ARG A 346 5.73 16.91 -9.74
CA ARG A 346 4.66 15.91 -9.92
C ARG A 346 4.60 15.36 -11.33
N SER A 347 5.23 16.02 -12.29
CA SER A 347 5.24 15.47 -13.64
C SER A 347 6.48 15.97 -14.34
N GLY A 348 6.86 15.23 -15.37
CA GLY A 348 8.06 15.48 -16.17
C GLY A 348 8.85 14.21 -16.41
N ILE A 349 9.97 14.30 -17.13
CA ILE A 349 10.75 13.12 -17.43
C ILE A 349 11.39 12.57 -16.16
N VAL A 350 11.17 11.31 -15.91
CA VAL A 350 11.76 10.59 -14.78
C VAL A 350 12.97 9.81 -15.30
N THR A 351 14.05 9.76 -14.53
CA THR A 351 15.19 8.90 -14.85
C THR A 351 15.25 7.76 -13.83
N LEU A 352 15.21 6.50 -14.30
CA LEU A 352 15.27 5.33 -13.42
C LEU A 352 16.73 4.88 -13.21
N HIS A 353 17.35 5.34 -12.13
CA HIS A 353 18.72 4.89 -11.83
C HIS A 353 18.67 3.60 -11.03
N ALA A 354 19.83 2.93 -10.91
CA ALA A 354 19.82 1.67 -10.16
C ALA A 354 19.45 1.91 -8.69
N ASP A 355 19.83 3.06 -8.16
CA ASP A 355 19.65 3.30 -6.71
C ASP A 355 18.62 4.39 -6.41
N ARG A 356 18.04 5.01 -7.43
CA ARG A 356 17.12 6.12 -7.10
C ARG A 356 16.21 6.51 -8.26
N THR A 357 15.09 7.13 -7.91
CA THR A 357 14.22 7.71 -8.92
C THR A 357 14.47 9.20 -8.96
N GLU A 358 14.80 9.73 -10.15
CA GLU A 358 14.99 11.15 -10.35
C GLU A 358 13.77 11.75 -11.04
N PHE A 359 13.11 12.70 -10.38
CA PHE A 359 11.97 13.45 -10.93
C PHE A 359 12.53 14.76 -11.48
N SER A 360 12.52 14.92 -12.81
CA SER A 360 12.78 16.24 -13.38
C SER A 360 11.48 16.85 -13.89
N ASP A 361 11.45 18.18 -14.03
CA ASP A 361 10.26 18.82 -14.59
C ASP A 361 10.33 19.01 -16.10
N ARG A 362 11.22 18.28 -16.76
CA ARG A 362 11.34 18.40 -18.21
C ARG A 362 10.05 17.93 -18.88
N PRO A 363 9.52 18.68 -19.84
CA PRO A 363 8.15 18.41 -20.32
C PRO A 363 8.10 17.27 -21.33
N TYR A 364 6.86 16.77 -21.51
CA TYR A 364 6.61 15.64 -22.41
C TYR A 364 7.10 15.93 -23.82
N TRP A 365 6.88 17.15 -24.31
CA TRP A 365 7.31 17.46 -25.68
C TRP A 365 8.82 17.28 -25.87
N SER A 366 9.62 17.28 -24.79
CA SER A 366 11.07 17.24 -24.91
C SER A 366 11.63 15.81 -24.83
N LEU A 367 10.77 14.78 -24.82
CA LEU A 367 11.25 13.40 -24.73
C LEU A 367 12.27 13.10 -25.81
N ALA A 368 12.04 13.61 -27.02
CA ALA A 368 12.95 13.50 -28.17
C ALA A 368 13.07 12.05 -28.66
N ARG A 369 11.95 11.34 -28.66
CA ARG A 369 11.92 9.94 -29.13
C ARG A 369 10.56 9.67 -29.79
#